data_7UU0
#
_entry.id   7UU0
#
_cell.length_a   32.309
_cell.length_b   52.526
_cell.length_c   71.216
_cell.angle_alpha   90.000
_cell.angle_beta   90.000
_cell.angle_gamma   90.000
#
_symmetry.space_group_name_H-M   'P 2 21 21'
#
loop_
_entity.id
_entity.type
_entity.pdbx_description
1 polymer 'Isoform 3 of Bromodomain-containing protein 2'
2 non-polymer 1,2-ETHANEDIOL
3 non-polymer 'methyl (7S)-7-(thiophen-2-yl)-1,4-thiazepane-4-carboxylate'
4 water water
#
_entity_poly.entity_id   1
_entity_poly.type   'polypeptide(L)'
_entity_poly.pdbx_seq_one_letter_code
;MHHHHHHSSGVDLGTENLYFQSMGKLSEQLKHCNGILKELLSKKHAAYAWPFYKPVDASALGLHDYHDIIKHPMDLSTVK
RKMENRDYRDAQEFAADVRLMFSNCYKYNPPDHDVVAMARKLQDVFEFRYAKMPD
;
_entity_poly.pdbx_strand_id   A
#
# COMPACT_ATOMS: atom_id res chain seq x y z
N SER A 22 -5.65 -19.46 -14.48
CA SER A 22 -4.56 -20.42 -14.58
C SER A 22 -3.44 -20.04 -13.62
N MET A 23 -3.71 -19.10 -12.72
CA MET A 23 -2.66 -18.55 -11.87
C MET A 23 -2.44 -19.34 -10.59
N GLY A 24 -3.42 -20.12 -10.16
CA GLY A 24 -3.25 -20.93 -8.97
C GLY A 24 -3.88 -20.28 -7.74
N LYS A 25 -4.43 -21.12 -6.87
CA LYS A 25 -5.05 -20.67 -5.63
C LYS A 25 -4.02 -19.99 -4.72
N LEU A 26 -4.38 -18.83 -4.18
CA LEU A 26 -3.55 -18.21 -3.16
C LEU A 26 -3.49 -19.08 -1.92
N SER A 27 -2.32 -19.12 -1.28
CA SER A 27 -2.18 -19.77 0.02
C SER A 27 -3.11 -19.10 1.03
N GLU A 28 -3.34 -19.79 2.13
CA GLU A 28 -4.20 -19.26 3.18
C GLU A 28 -3.72 -17.90 3.67
N GLN A 29 -2.41 -17.75 3.92
CA GLN A 29 -1.90 -16.46 4.35
C GLN A 29 -2.07 -15.40 3.27
N LEU A 30 -1.86 -15.77 2.00
CA LEU A 30 -2.06 -14.80 0.92
C LEU A 30 -3.55 -14.46 0.71
N LYS A 31 -4.48 -15.39 0.99
CA LYS A 31 -5.90 -15.03 0.99
C LYS A 31 -6.17 -13.96 2.03
N HIS A 32 -5.58 -14.10 3.21
CA HIS A 32 -5.74 -13.07 4.24
C HIS A 32 -5.19 -11.74 3.75
N CYS A 33 -4.01 -11.77 3.13
CA CYS A 33 -3.43 -10.55 2.56
C CYS A 33 -4.34 -9.96 1.49
N ASN A 34 -4.91 -10.80 0.63
CA ASN A 34 -5.84 -10.31 -0.40
C ASN A 34 -7.05 -9.66 0.23
N GLY A 35 -7.52 -10.20 1.35
CA GLY A 35 -8.66 -9.60 2.04
C GLY A 35 -8.30 -8.24 2.61
N ILE A 36 -7.13 -8.13 3.25
CA ILE A 36 -6.63 -6.83 3.71
C ILE A 36 -6.60 -5.83 2.57
N LEU A 37 -6.03 -6.24 1.45
CA LEU A 37 -5.90 -5.35 0.30
C LEU A 37 -7.26 -4.85 -0.18
N LYS A 38 -8.23 -5.76 -0.30
CA LYS A 38 -9.57 -5.35 -0.66
C LYS A 38 -10.14 -4.34 0.36
N GLU A 39 -9.89 -4.57 1.65
CA GLU A 39 -10.37 -3.63 2.63
C GLU A 39 -9.70 -2.27 2.46
N LEU A 40 -8.38 -2.25 2.23
CA LEU A 40 -7.70 -0.96 2.08
C LEU A 40 -8.24 -0.17 0.89
N LEU A 41 -8.74 -0.85 -0.13
CA LEU A 41 -9.28 -0.24 -1.33
C LEU A 41 -10.78 0.07 -1.22
N SER A 42 -11.42 -0.30 -0.11
CA SER A 42 -12.87 -0.25 0.00
C SER A 42 -13.38 1.14 0.39
N LYS A 43 -14.68 1.36 0.16
CA LYS A 43 -15.24 2.68 0.38
C LYS A 43 -15.09 3.13 1.81
N LYS A 44 -15.10 2.19 2.77
CA LYS A 44 -15.14 2.63 4.15
C LYS A 44 -13.86 3.32 4.60
N HIS A 45 -12.75 3.16 3.88
CA HIS A 45 -11.49 3.82 4.24
C HIS A 45 -11.13 4.94 3.28
N ALA A 46 -12.03 5.30 2.36
CA ALA A 46 -11.65 6.19 1.28
C ALA A 46 -11.23 7.58 1.75
N ALA A 47 -11.73 8.03 2.91
CA ALA A 47 -11.41 9.38 3.35
C ALA A 47 -9.91 9.57 3.58
N TYR A 48 -9.19 8.50 3.91
CA TYR A 48 -7.75 8.58 4.13
C TYR A 48 -6.95 7.68 3.20
N ALA A 49 -7.61 6.76 2.47
CA ALA A 49 -6.86 5.86 1.59
C ALA A 49 -6.62 6.45 0.22
N TRP A 50 -7.38 7.46 -0.18
CA TRP A 50 -7.32 7.90 -1.58
C TRP A 50 -5.93 8.31 -2.06
N PRO A 51 -5.03 8.91 -1.26
CA PRO A 51 -3.71 9.24 -1.81
C PRO A 51 -2.90 8.04 -2.24
N PHE A 52 -3.30 6.84 -1.82
CA PHE A 52 -2.54 5.61 -2.01
C PHE A 52 -3.13 4.70 -3.07
N TYR A 53 -4.22 5.10 -3.71
CA TYR A 53 -4.88 4.21 -4.67
C TYR A 53 -4.06 3.95 -5.92
N LYS A 54 -3.36 4.96 -6.42
N LYS A 54 -3.37 4.97 -6.44
CA LYS A 54 -2.70 4.93 -7.71
CA LYS A 54 -2.72 4.93 -7.73
C LYS A 54 -1.29 5.45 -7.55
C LYS A 54 -1.31 5.48 -7.58
N PRO A 55 -0.40 5.17 -8.51
CA PRO A 55 0.95 5.76 -8.43
C PRO A 55 0.90 7.26 -8.30
N VAL A 56 1.76 7.82 -7.46
CA VAL A 56 1.92 9.27 -7.42
C VAL A 56 2.30 9.76 -8.80
N ASP A 57 1.51 10.69 -9.35
CA ASP A 57 1.87 11.29 -10.63
C ASP A 57 2.65 12.55 -10.28
N ALA A 58 3.97 12.39 -10.18
CA ALA A 58 4.81 13.48 -9.71
C ALA A 58 4.72 14.68 -10.65
N SER A 59 4.72 14.44 -11.96
CA SER A 59 4.60 15.50 -12.95
C SER A 59 3.30 16.29 -12.75
N ALA A 60 2.17 15.59 -12.64
CA ALA A 60 0.89 16.27 -12.53
C ALA A 60 0.81 17.14 -11.29
N LEU A 61 1.44 16.71 -10.21
CA LEU A 61 1.40 17.43 -8.94
C LEU A 61 2.56 18.43 -8.80
N GLY A 62 3.43 18.56 -9.80
CA GLY A 62 4.53 19.49 -9.67
C GLY A 62 5.60 19.06 -8.70
N LEU A 63 5.70 17.77 -8.40
CA LEU A 63 6.65 17.27 -7.41
C LEU A 63 7.92 16.82 -8.15
N HIS A 64 8.68 17.81 -8.61
CA HIS A 64 9.80 17.56 -9.50
C HIS A 64 10.99 16.92 -8.81
N ASP A 65 10.94 16.75 -7.49
CA ASP A 65 11.96 16.04 -6.73
C ASP A 65 11.53 14.65 -6.27
N TYR A 66 10.28 14.26 -6.55
CA TYR A 66 9.71 13.04 -5.97
C TYR A 66 10.53 11.81 -6.34
N HIS A 67 10.89 11.68 -7.62
CA HIS A 67 11.64 10.50 -8.05
C HIS A 67 13.13 10.56 -7.73
N ASP A 68 13.66 11.70 -7.32
CA ASP A 68 15.00 11.77 -6.77
C ASP A 68 15.02 11.26 -5.33
N ILE A 69 13.93 11.48 -4.59
CA ILE A 69 13.85 11.14 -3.17
C ILE A 69 13.32 9.73 -2.97
N ILE A 70 12.36 9.33 -3.80
CA ILE A 70 11.66 8.04 -3.69
C ILE A 70 12.20 7.16 -4.80
N LYS A 71 13.10 6.22 -4.45
CA LYS A 71 13.67 5.34 -5.46
C LYS A 71 12.78 4.17 -5.85
N HIS A 72 11.86 3.76 -4.99
CA HIS A 72 11.01 2.60 -5.23
C HIS A 72 9.56 2.99 -4.95
N PRO A 73 8.90 3.65 -5.89
CA PRO A 73 7.49 3.99 -5.70
C PRO A 73 6.64 2.74 -5.50
N MET A 74 5.58 2.89 -4.70
CA MET A 74 4.63 1.80 -4.54
C MET A 74 3.28 2.40 -4.18
N ASP A 75 2.21 1.71 -4.57
CA ASP A 75 0.83 2.16 -4.34
C ASP A 75 -0.09 0.93 -4.38
N LEU A 76 -1.33 1.12 -3.92
CA LEU A 76 -2.23 -0.01 -3.77
C LEU A 76 -2.59 -0.66 -5.10
N SER A 77 -2.72 0.12 -6.20
CA SER A 77 -3.03 -0.51 -7.49
C SER A 77 -1.88 -1.40 -7.96
N THR A 78 -0.66 -1.04 -7.63
CA THR A 78 0.49 -1.89 -8.01
C THR A 78 0.52 -3.14 -7.15
N VAL A 79 0.21 -3.02 -5.86
CA VAL A 79 0.11 -4.19 -4.99
C VAL A 79 -0.96 -5.12 -5.52
N LYS A 80 -2.11 -4.57 -5.95
CA LYS A 80 -3.19 -5.40 -6.46
C LYS A 80 -2.76 -6.13 -7.73
N ARG A 81 -2.09 -5.44 -8.64
CA ARG A 81 -1.63 -6.10 -9.86
C ARG A 81 -0.66 -7.23 -9.53
N LYS A 82 0.24 -6.99 -8.58
CA LYS A 82 1.20 -8.01 -8.20
C LYS A 82 0.51 -9.20 -7.55
N MET A 83 -0.52 -8.96 -6.71
CA MET A 83 -1.26 -10.09 -6.15
C MET A 83 -1.94 -10.90 -7.25
N GLU A 84 -2.62 -10.23 -8.17
CA GLU A 84 -3.34 -10.91 -9.25
C GLU A 84 -2.39 -11.71 -10.13
N ASN A 85 -1.19 -11.18 -10.36
CA ASN A 85 -0.17 -11.85 -11.17
C ASN A 85 0.65 -12.88 -10.40
N ARG A 86 0.37 -13.09 -9.12
CA ARG A 86 1.08 -14.05 -8.27
C ARG A 86 2.55 -13.70 -8.13
N ASP A 87 2.83 -12.41 -8.14
CA ASP A 87 4.19 -11.96 -7.93
C ASP A 87 4.63 -12.18 -6.50
N TYR A 88 3.73 -12.06 -5.52
CA TYR A 88 4.09 -12.26 -4.12
C TYR A 88 4.22 -13.74 -3.80
N ARG A 89 5.39 -14.15 -3.33
N ARG A 89 5.40 -14.14 -3.35
CA ARG A 89 5.60 -15.54 -2.98
CA ARG A 89 5.64 -15.54 -2.98
C ARG A 89 5.04 -15.86 -1.61
C ARG A 89 5.06 -15.86 -1.62
N ASP A 90 4.91 -14.87 -0.75
CA ASP A 90 4.40 -15.10 0.59
C ASP A 90 3.89 -13.78 1.19
N ALA A 91 3.28 -13.89 2.36
CA ALA A 91 2.68 -12.73 3.02
C ALA A 91 3.73 -11.69 3.34
N GLN A 92 4.95 -12.12 3.71
CA GLN A 92 6.01 -11.16 4.04
C GLN A 92 6.34 -10.26 2.86
N GLU A 93 6.32 -10.81 1.65
CA GLU A 93 6.65 -9.99 0.48
C GLU A 93 5.56 -8.96 0.22
N PHE A 94 4.30 -9.35 0.41
CA PHE A 94 3.19 -8.42 0.30
C PHE A 94 3.32 -7.32 1.35
N ALA A 95 3.57 -7.69 2.61
CA ALA A 95 3.64 -6.70 3.69
C ALA A 95 4.75 -5.71 3.43
N ALA A 96 5.90 -6.18 2.93
CA ALA A 96 7.02 -5.30 2.67
C ALA A 96 6.64 -4.23 1.64
N ASP A 97 5.86 -4.60 0.61
CA ASP A 97 5.42 -3.62 -0.36
C ASP A 97 4.44 -2.61 0.24
N VAL A 98 3.46 -3.07 1.02
CA VAL A 98 2.52 -2.13 1.62
C VAL A 98 3.27 -1.16 2.53
N ARG A 99 4.21 -1.67 3.32
CA ARG A 99 4.98 -0.82 4.21
C ARG A 99 5.91 0.10 3.45
N LEU A 100 6.44 -0.34 2.29
CA LEU A 100 7.24 0.55 1.43
C LEU A 100 6.41 1.75 0.97
N MET A 101 5.16 1.51 0.57
CA MET A 101 4.28 2.61 0.17
C MET A 101 4.15 3.63 1.30
N PHE A 102 3.88 3.17 2.53
CA PHE A 102 3.75 4.12 3.63
C PHE A 102 5.07 4.81 3.93
N SER A 103 6.17 4.07 3.94
CA SER A 103 7.49 4.67 4.19
C SER A 103 7.81 5.75 3.17
N ASN A 104 7.45 5.55 1.90
CA ASN A 104 7.69 6.59 0.89
C ASN A 104 6.98 7.88 1.28
N CYS A 105 5.75 7.75 1.77
CA CYS A 105 5.00 8.93 2.21
C CYS A 105 5.68 9.61 3.39
N TYR A 106 6.15 8.84 4.37
CA TYR A 106 6.86 9.40 5.53
C TYR A 106 8.20 10.01 5.12
N LYS A 107 8.82 9.48 4.06
CA LYS A 107 10.12 9.96 3.60
C LYS A 107 9.97 11.28 2.84
N TYR A 108 8.97 11.37 1.95
CA TYR A 108 8.87 12.52 1.08
C TYR A 108 8.29 13.74 1.79
N ASN A 109 7.33 13.55 2.67
CA ASN A 109 6.52 14.65 3.19
C ASN A 109 6.93 15.05 4.59
N PRO A 110 6.73 16.30 4.98
CA PRO A 110 7.01 16.70 6.37
C PRO A 110 6.08 15.97 7.31
N PRO A 111 6.52 15.73 8.55
CA PRO A 111 5.72 14.89 9.47
C PRO A 111 4.37 15.47 9.84
N ASP A 112 4.15 16.77 9.69
CA ASP A 112 2.86 17.38 10.01
C ASP A 112 1.94 17.52 8.80
N HIS A 113 2.30 16.93 7.66
CA HIS A 113 1.46 17.04 6.47
C HIS A 113 0.20 16.21 6.62
N ASP A 114 -0.91 16.72 6.09
CA ASP A 114 -2.16 15.95 6.10
C ASP A 114 -2.00 14.55 5.49
N VAL A 115 -1.18 14.41 4.45
CA VAL A 115 -1.05 13.08 3.82
C VAL A 115 -0.38 12.10 4.76
N VAL A 116 0.52 12.57 5.64
CA VAL A 116 1.15 11.70 6.63
C VAL A 116 0.12 11.22 7.64
N ALA A 117 -0.77 12.10 8.09
CA ALA A 117 -1.85 11.71 8.98
C ALA A 117 -2.71 10.64 8.32
N MET A 118 -2.98 10.78 7.02
N MET A 118 -2.99 10.79 7.02
CA MET A 118 -3.80 9.79 6.31
CA MET A 118 -3.77 9.80 6.29
C MET A 118 -3.04 8.47 6.16
C MET A 118 -3.04 8.48 6.22
N ALA A 119 -1.74 8.53 5.87
CA ALA A 119 -0.92 7.32 5.84
C ALA A 119 -0.95 6.60 7.18
N ARG A 120 -0.80 7.34 8.29
CA ARG A 120 -0.77 6.69 9.61
C ARG A 120 -2.09 5.99 9.89
N LYS A 121 -3.20 6.59 9.49
CA LYS A 121 -4.50 5.96 9.70
C LYS A 121 -4.66 4.71 8.88
N LEU A 122 -4.30 4.77 7.59
CA LEU A 122 -4.45 3.58 6.75
C LEU A 122 -3.46 2.51 7.18
N GLN A 123 -2.25 2.91 7.61
CA GLN A 123 -1.29 1.93 8.08
C GLN A 123 -1.77 1.23 9.35
N ASP A 124 -2.47 1.93 10.24
CA ASP A 124 -3.04 1.26 11.40
C ASP A 124 -4.04 0.20 10.97
N VAL A 125 -4.91 0.51 10.00
CA VAL A 125 -5.83 -0.49 9.48
C VAL A 125 -5.04 -1.70 9.01
N PHE A 126 -4.01 -1.44 8.21
CA PHE A 126 -3.18 -2.52 7.69
C PHE A 126 -2.51 -3.34 8.78
N GLU A 127 -1.79 -2.68 9.69
CA GLU A 127 -0.97 -3.43 10.64
C GLU A 127 -1.84 -4.22 11.61
N PHE A 128 -2.97 -3.65 12.04
CA PHE A 128 -3.81 -4.36 12.99
C PHE A 128 -4.43 -5.61 12.37
N ARG A 129 -4.82 -5.53 11.09
CA ARG A 129 -5.38 -6.72 10.45
C ARG A 129 -4.30 -7.69 10.00
N TYR A 130 -3.14 -7.20 9.57
CA TYR A 130 -2.04 -8.10 9.23
C TYR A 130 -1.64 -8.92 10.46
N ALA A 131 -1.72 -8.31 11.66
CA ALA A 131 -1.40 -9.02 12.90
C ALA A 131 -2.40 -10.14 13.22
N LYS A 132 -3.53 -10.19 12.54
CA LYS A 132 -4.49 -11.29 12.70
C LYS A 132 -4.30 -12.39 11.68
N MET A 133 -3.19 -12.40 10.97
N MET A 133 -3.21 -12.39 10.93
CA MET A 133 -2.99 -13.42 9.95
CA MET A 133 -3.05 -13.42 9.91
C MET A 133 -2.94 -14.81 10.59
C MET A 133 -2.92 -14.79 10.54
N PRO A 134 -3.62 -15.80 10.02
CA PRO A 134 -3.50 -17.17 10.55
C PRO A 134 -2.08 -17.73 10.38
#